data_214D
#
_entry.id   214D
#
_cell.length_a   1.000
_cell.length_b   1.000
_cell.length_c   1.000
_cell.angle_alpha   90.00
_cell.angle_beta   90.00
_cell.angle_gamma   90.00
#
_symmetry.space_group_name_H-M   'P 1'
#
loop_
_entity.id
_entity.type
_entity.pdbx_description
1 polymer "DNA (5'-D(*CP*GP*CP*AP*TP*AP*TP*AP*GP*CP*C)-3')"
2 polymer "DNA (5'-D(*GP*GP*CP*TP*AP*(T41)P*AP*TP*GP*CP*G)-3')"
#
loop_
_entity_poly.entity_id
_entity_poly.type
_entity_poly.pdbx_seq_one_letter_code
_entity_poly.pdbx_strand_id
1 'polydeoxyribonucleotide' (DC)(DG)(DC)(DA)(DT)(DA)(DT)(DA)(DG)(DC)(DC) A
2 'polydeoxyribonucleotide' (DG)(DG)(DC)(DT)(DA)(T41)(DA)(DT)(DG)(DC)(DG) B
#
loop_
_chem_comp.id
_chem_comp.type
_chem_comp.name
_chem_comp.formula
DA DNA linking 2'-DEOXYADENOSINE-5'-MONOPHOSPHATE 'C10 H14 N5 O6 P'
DC DNA linking 2'-DEOXYCYTIDINE-5'-MONOPHOSPHATE 'C9 H14 N3 O7 P'
DG DNA linking 2'-DEOXYGUANOSINE-5'-MONOPHOSPHATE 'C10 H14 N5 O7 P'
DT DNA linking THYMIDINE-5'-MONOPHOSPHATE 'C10 H15 N2 O8 P'
T41 RNA linking '1-(2-O-METHYL-BETA-D-ARABINOFURANOSYL)THYMIDINE 5'-MONOPHOSPHATE' 'C11 H17 N2 O9 P'
#
# COMPACT_ATOMS: atom_id res chain seq x y z
N1 T41 B 6 0.90 0.84 -1.11
C2 T41 B 6 1.69 1.66 -1.91
N3 T41 B 6 1.14 2.03 -3.13
C4 T41 B 6 -0.09 1.67 -3.63
C5 T41 B 6 -0.86 0.84 -2.74
C5M T41 B 6 -2.25 0.40 -3.10
C6 T41 B 6 -0.35 0.46 -1.54
O2 T41 B 6 2.81 2.05 -1.59
O4 T41 B 6 -0.46 2.05 -4.74
C1' T41 B 6 1.45 0.36 0.18
C2' T41 B 6 0.71 0.71 1.43
O2' T41 B 6 -0.67 0.49 1.33
C3' T41 B 6 1.27 -0.28 2.45
C4' T41 B 6 1.66 -1.47 1.55
O3' T41 B 6 2.45 0.18 3.08
O4' T41 B 6 1.59 -1.04 0.20
C5' T41 B 6 0.73 -2.68 1.70
O5' T41 B 6 -0.62 -2.35 1.42
C6' T41 B 6 -1.29 1.59 1.89
P T41 B 6 -1.75 -3.49 1.28
O1P T41 B 6 -1.81 -4.24 2.55
O2P T41 B 6 -2.98 -2.86 0.74
H3 T41 B 6 1.73 2.63 -3.70
H5M1 T41 B 6 -2.91 1.27 -3.08
H5M2 T41 B 6 -2.23 -0.05 -4.09
H5M3 T41 B 6 -2.63 -0.33 -2.38
H6 T41 B 6 -0.97 -0.16 -0.91
H1' T41 B 6 2.35 0.88 0.44
H2'1 T41 B 6 0.95 1.75 1.64
H3' T41 B 6 0.49 -0.51 3.18
H4' T41 B 6 2.66 -1.83 1.76
H5'1 T41 B 6 1.06 -3.44 1.00
H5'2 T41 B 6 0.80 -3.07 2.72
H11 T41 B 6 -2.34 1.39 1.91
H12 T41 B 6 -0.87 1.73 2.90
H13 T41 B 6 -1.04 2.45 1.25
N1 T41 B 6 0.97 0.89 -0.91
C2 T41 B 6 1.76 1.69 -1.72
N3 T41 B 6 1.22 2.06 -2.94
C4 T41 B 6 -0.03 1.69 -3.43
C5 T41 B 6 -0.79 0.87 -2.52
C5M T41 B 6 -2.19 0.44 -2.87
C6 T41 B 6 -0.28 0.51 -1.32
O2 T41 B 6 2.89 2.08 -1.40
O4 T41 B 6 -0.39 2.07 -4.54
C1' T41 B 6 1.53 0.43 0.40
C2' T41 B 6 0.79 0.79 1.64
O2' T41 B 6 -0.59 0.58 1.55
C3' T41 B 6 1.36 -0.17 2.67
C4' T41 B 6 1.74 -1.38 1.79
O3' T41 B 6 2.54 0.30 3.30
O4' T41 B 6 1.68 -0.97 0.44
C5' T41 B 6 0.80 -2.58 1.98
O5' T41 B 6 -0.54 -2.25 1.69
C6' T41 B 6 -1.20 1.70 2.09
P T41 B 6 -1.68 -3.39 1.58
O1P T41 B 6 -1.73 -4.12 2.87
O2P T41 B 6 -2.91 -2.76 1.05
H3 T41 B 6 1.81 2.64 -3.52
H5M1 T41 B 6 -2.19 -0.02 -3.86
H5M2 T41 B 6 -2.57 -0.29 -2.14
H5M3 T41 B 6 -2.84 1.32 -2.86
H6 T41 B 6 -0.89 -0.10 -0.68
H1' T41 B 6 2.43 0.95 0.63
H2'1 T41 B 6 1.03 1.84 1.83
H3' T41 B 6 0.58 -0.38 3.41
H4' T41 B 6 2.74 -1.73 2.00
H5'1 T41 B 6 1.14 -3.35 1.27
H5'2 T41 B 6 0.88 -2.97 2.99
H11 T41 B 6 -2.26 1.49 2.11
H12 T41 B 6 -0.78 1.84 3.09
H13 T41 B 6 -0.96 2.54 1.43
N1 T41 B 6 0.88 0.84 -1.11
C2 T41 B 6 1.67 1.66 -1.91
N3 T41 B 6 1.13 2.03 -3.14
C4 T41 B 6 -0.10 1.67 -3.63
C5 T41 B 6 -0.88 0.84 -2.74
C5M T41 B 6 -2.27 0.40 -3.10
C6 T41 B 6 -0.37 0.46 -1.54
O2 T41 B 6 2.79 2.05 -1.59
O4 T41 B 6 -0.46 2.05 -4.75
C1' T41 B 6 1.44 0.37 0.18
C2' T41 B 6 0.68 0.71 1.43
O2' T41 B 6 -0.68 0.50 1.33
C3' T41 B 6 1.25 -0.27 2.45
C4' T41 B 6 1.63 -1.46 1.56
O3' T41 B 6 2.44 0.19 3.08
O4' T41 B 6 1.58 -1.04 0.20
C5' T41 B 6 0.71 -2.67 1.71
O5' T41 B 6 -0.64 -2.35 1.42
C6' T41 B 6 -1.30 1.61 1.89
P T41 B 6 -1.78 -3.49 1.27
O1P T41 B 6 -1.83 -4.23 2.55
O2P T41 B 6 -3.00 -2.85 0.74
H3 T41 B 6 1.72 2.62 -3.71
H5M1 T41 B 6 -2.92 1.27 -3.10
H5M2 T41 B 6 -2.25 -0.05 -4.09
H5M3 T41 B 6 -2.65 -0.33 -2.38
H6 T41 B 6 -0.98 -0.15 -0.92
H1' T41 B 6 2.33 0.88 0.43
H2'1 T41 B 6 0.94 1.75 1.63
H3' T41 B 6 0.48 -0.50 3.18
H4' T41 B 6 2.64 -1.82 1.77
H5'1 T41 B 6 1.05 -3.42 1.01
H5'2 T41 B 6 0.78 -3.07 2.72
H11 T41 B 6 -2.36 1.40 1.90
H12 T41 B 6 -0.89 1.74 2.89
H13 T41 B 6 -1.06 2.46 1.25
N1 T41 B 6 1.00 0.76 -0.73
C2 T41 B 6 1.80 1.58 -1.53
N3 T41 B 6 1.25 1.92 -2.77
C4 T41 B 6 0.03 1.54 -3.27
C5 T41 B 6 -0.73 0.70 -2.36
C5M T41 B 6 -2.11 0.21 -2.73
C6 T41 B 6 -0.23 0.35 -1.16
O2 T41 B 6 2.90 2.00 -1.20
O4 T41 B 6 -0.33 1.89 -4.39
C1' T41 B 6 1.54 0.35 0.60
C2' T41 B 6 0.75 0.75 1.82
O2' T41 B 6 -0.61 0.49 1.69
C3' T41 B 6 1.29 -0.19 2.89
C4' T41 B 6 1.73 -1.41 2.06
O3' T41 B 6 2.45 0.32 3.54
O4' T41 B 6 1.70 -1.05 0.69
C5' T41 B 6 0.83 -2.63 2.25
O5' T41 B 6 -0.52 -2.34 1.91
C6' T41 B 6 -1.27 1.62 2.17
P T41 B 6 -1.63 -3.53 1.78
O1P T41 B 6 -1.69 -4.24 3.08
O2P T41 B 6 -2.85 -2.94 1.20
H3 T41 B 6 1.83 2.53 -3.35
H5M1 T41 B 6 -2.07 -0.26 -3.71
H5M2 T41 B 6 -2.49 -0.50 -2.00
H5M3 T41 B 6 -2.78 1.08 -2.76
H6 T41 B 6 -0.83 -0.27 -0.53
H1' T41 B 6 2.42 0.90 0.85
H2'1 T41 B 6 0.97 1.80 1.98
H3' T41 B 6 0.50 -0.40 3.60
H4' T41 B 6 2.74 -1.74 2.30
H5'1 T41 B 6 1.20 -3.42 1.58
H5'2 T41 B 6 0.88 -2.98 3.28
H11 T41 B 6 -2.32 1.39 2.17
H12 T41 B 6 -0.89 1.82 3.17
H13 T41 B 6 -1.02 2.44 1.49
N1 T41 B 6 0.88 0.84 -1.11
C2 T41 B 6 1.68 1.66 -1.90
N3 T41 B 6 1.13 2.03 -3.13
C4 T41 B 6 -0.11 1.66 -3.63
C5 T41 B 6 -0.87 0.84 -2.73
C5M T41 B 6 -2.27 0.38 -3.10
C6 T41 B 6 -0.36 0.46 -1.53
O2 T41 B 6 2.80 2.05 -1.58
O4 T41 B 6 -0.46 2.04 -4.74
C1' T41 B 6 1.43 0.36 0.19
C2' T41 B 6 0.68 0.71 1.43
O2' T41 B 6 -0.69 0.50 1.33
C3' T41 B 6 1.25 -0.26 2.46
C4' T41 B 6 1.63 -1.46 1.57
O3' T41 B 6 2.43 0.20 3.09
O4' T41 B 6 1.58 -1.04 0.21
C5' T41 B 6 0.70 -2.67 1.72
O5' T41 B 6 -0.64 -2.34 1.43
C6' T41 B 6 -1.30 1.61 1.89
P T41 B 6 -1.77 -3.48 1.29
O1P T41 B 6 -1.83 -4.22 2.57
O2P T41 B 6 -3.00 -2.85 0.76
H3 T41 B 6 1.72 2.62 -3.71
H5M1 T41 B 6 -2.24 -0.06 -4.09
H5M2 T41 B 6 -2.64 -0.35 -2.38
H5M3 T41 B 6 -2.92 1.26 -3.09
H6 T41 B 6 -0.98 -0.16 -0.91
H1' T41 B 6 2.33 0.89 0.44
H2'1 T41 B 6 0.93 1.76 1.64
H3' T41 B 6 0.47 -0.49 3.18
H4' T41 B 6 2.64 -1.82 1.77
H5'1 T41 B 6 1.04 -3.43 1.02
H5'2 T41 B 6 0.78 -3.06 2.74
H11 T41 B 6 -2.36 1.40 1.90
H12 T41 B 6 -0.89 1.75 2.89
H13 T41 B 6 -1.06 2.46 1.25
N1 T41 B 6 0.79 0.89 -1.13
C2 T41 B 6 1.59 1.71 -1.94
N3 T41 B 6 1.05 2.07 -3.16
C4 T41 B 6 -0.19 1.69 -3.66
C5 T41 B 6 -0.97 0.87 -2.75
C5M T41 B 6 -2.34 0.39 -3.12
C6 T41 B 6 -0.46 0.51 -1.55
O2 T41 B 6 2.70 2.11 -1.61
O4 T41 B 6 -0.55 2.06 -4.77
C1' T41 B 6 1.36 0.41 0.15
C2' T41 B 6 0.63 0.72 1.41
O2' T41 B 6 -0.74 0.52 1.32
C3' T41 B 6 1.19 -0.29 2.39
C4' T41 B 6 1.56 -1.46 1.48
O3' T41 B 6 2.39 0.15 3.04
O4' T41 B 6 1.51 -1.00 0.14
C5' T41 B 6 0.62 -2.67 1.60
O5' T41 B 6 -0.71 -2.34 1.27
C6' T41 B 6 -1.35 1.62 1.90
P T41 B 6 -1.84 -3.49 1.05
O1P T41 B 6 -2.00 -4.21 2.34
O2P T41 B 6 -3.01 -2.87 0.41
H3 T41 B 6 1.62 2.66 -3.74
H5M1 T41 B 6 -2.32 0.01 -4.14
H5M2 T41 B 6 -2.66 -0.41 -2.44
H5M3 T41 B 6 -3.04 1.22 -3.03
H6 T41 B 6 -1.07 -0.09 -0.91
H1' T41 B 6 2.26 0.91 0.39
H2'1 T41 B 6 0.89 1.76 1.64
H3' T41 B 6 0.42 -0.53 3.13
H4' T41 B 6 2.57 -1.83 1.68
H5'1 T41 B 6 0.98 -3.41 0.88
H5'2 T41 B 6 0.67 -3.08 2.60
H11 T41 B 6 -2.41 1.43 1.91
H12 T41 B 6 -0.93 1.75 2.90
H13 T41 B 6 -1.10 2.48 1.27
N1 T41 B 6 0.97 0.85 -0.96
C2 T41 B 6 1.77 1.66 -1.76
N3 T41 B 6 1.23 2.03 -2.98
C4 T41 B 6 -0.02 1.67 -3.47
C5 T41 B 6 -0.79 0.84 -2.57
C5M T41 B 6 -2.18 0.38 -2.93
C6 T41 B 6 -0.27 0.47 -1.38
O2 T41 B 6 2.89 2.07 -1.44
O4 T41 B 6 -0.39 2.04 -4.58
C1' T41 B 6 1.53 0.39 0.34
C2' T41 B 6 0.78 0.74 1.59
O2' T41 B 6 -0.58 0.51 1.49
C3' T41 B 6 1.36 -0.23 2.61
C4' T41 B 6 1.75 -1.43 1.74
O3' T41 B 6 2.54 0.25 3.25
O4' T41 B 6 1.69 -1.01 0.38
C5' T41 B 6 0.82 -2.63 1.90
O5' T41 B 6 -0.53 -2.31 1.61
C6' T41 B 6 -1.21 1.62 2.04
P T41 B 6 -1.66 -3.46 1.49
O1P T41 B 6 -1.70 -4.20 2.78
O2P T41 B 6 -2.89 -2.84 0.96
H3 T41 B 6 1.80 2.63 -3.56
H5M1 T41 B 6 -2.55 -0.35 -2.21
H5M2 T41 B 6 -2.83 1.25 -2.92
H5M3 T41 B 6 -2.16 -0.07 -3.92
H6 T41 B 6 -0.88 -0.16 -0.75
H1' T41 B 6 2.43 0.91 0.60
H2'1 T41 B 6 1.03 1.78 1.78
H3' T41 B 6 0.58 -0.46 3.35
H4' T41 B 6 2.76 -1.78 1.94
H5'1 T41 B 6 1.17 -3.40 1.20
H5'2 T41 B 6 0.90 -3.02 2.92
H11 T41 B 6 -2.26 1.41 2.06
H12 T41 B 6 -0.80 1.77 3.04
H13 T41 B 6 -0.97 2.47 1.39
N1 T41 B 6 0.92 0.85 -1.05
C2 T41 B 6 1.72 1.67 -1.86
N3 T41 B 6 1.18 2.04 -3.08
C4 T41 B 6 -0.06 1.67 -3.58
C5 T41 B 6 -0.83 0.84 -2.67
C5M T41 B 6 -2.23 0.40 -3.04
C6 T41 B 6 -0.32 0.47 -1.48
O2 T41 B 6 2.83 2.06 -1.53
O4 T41 B 6 -0.42 2.05 -4.69
C1' T41 B 6 1.47 0.38 0.24
C2' T41 B 6 0.73 0.73 1.49
O2' T41 B 6 -0.65 0.51 1.39
C3' T41 B 6 1.29 -0.25 2.51
C4' T41 B 6 1.68 -1.45 1.62
O3' T41 B 6 2.48 0.21 3.14
O4' T41 B 6 1.62 -1.02 0.26
C5' T41 B 6 0.75 -2.66 1.77
O5' T41 B 6 -0.59 -2.33 1.49
C6' T41 B 6 -1.27 1.62 1.94
P T41 B 6 -1.73 -3.47 1.35
O1P T41 B 6 -1.79 -4.21 2.63
O2P T41 B 6 -2.95 -2.84 0.81
H3 T41 B 6 1.75 2.63 -3.65
H5M1 T41 B 6 -2.60 -0.34 -2.33
H5M2 T41 B 6 -2.87 1.26 -3.03
H5M3 T41 B 6 -2.21 -0.05 -4.04
H6 T41 B 6 -0.93 -0.15 -0.85
H1' T41 B 6 2.38 0.90 0.50
H2'1 T41 B 6 0.97 1.76 1.69
H3' T41 B 6 0.51 -0.48 3.24
H4' T41 B 6 2.69 -1.81 1.83
H5'1 T41 B 6 1.09 -3.42 1.08
H5'2 T41 B 6 0.82 -3.05 2.80
H11 T41 B 6 -2.32 1.41 1.95
H12 T41 B 6 -0.86 1.76 2.94
H13 T41 B 6 -1.02 2.47 1.30
N1 T41 B 6 0.86 0.82 -1.11
C2 T41 B 6 1.65 1.65 -1.91
N3 T41 B 6 1.12 2.01 -3.13
C4 T41 B 6 -0.12 1.65 -3.63
C5 T41 B 6 -0.89 0.81 -2.73
C5M T41 B 6 -2.28 0.37 -3.10
C6 T41 B 6 -0.39 0.43 -1.54
O2 T41 B 6 2.77 2.03 -1.58
O4 T41 B 6 -0.48 2.03 -4.75
C1' T41 B 6 1.42 0.34 0.18
C2' T41 B 6 0.66 0.69 1.44
O2' T41 B 6 -0.71 0.47 1.33
C3' T41 B 6 1.23 -0.29 2.45
C4' T41 B 6 1.63 -1.48 1.56
O3' T41 B 6 2.42 0.17 3.08
O4' T41 B 6 1.56 -1.07 0.21
C5' T41 B 6 0.69 -2.69 1.71
O5' T41 B 6 -0.66 -2.37 1.42
C6' T41 B 6 -1.32 1.58 1.89
P T41 B 6 -1.79 -3.52 1.28
O1P T41 B 6 -1.84 -4.26 2.56
O2P T41 B 6 -3.01 -2.88 0.74
H3 T41 B 6 1.70 2.61 -3.71
H5M1 T41 B 6 -2.26 -0.08 -4.10
H5M2 T41 B 6 -2.66 -0.37 -2.39
H5M3 T41 B 6 -2.94 1.23 -3.10
H6 T41 B 6 -0.99 -0.18 -0.92
H1' T41 B 6 2.31 0.86 0.44
H2'1 T41 B 6 0.92 1.73 1.63
H3' T41 B 6 0.45 -0.52 3.18
H4' T41 B 6 2.63 -1.85 1.77
H5'1 T41 B 6 1.03 -3.45 1.00
H5'2 T41 B 6 0.76 -3.08 2.72
H11 T41 B 6 -2.38 1.37 1.90
H12 T41 B 6 -0.91 1.72 2.89
H13 T41 B 6 -1.08 2.43 1.25
N1 T41 B 6 0.88 0.84 -1.14
C2 T41 B 6 1.67 1.66 -1.93
N3 T41 B 6 1.13 2.03 -3.16
C4 T41 B 6 -0.11 1.66 -3.65
C5 T41 B 6 -0.88 0.83 -2.76
C5M T41 B 6 -2.27 0.39 -3.13
C6 T41 B 6 -0.37 0.45 -1.56
O2 T41 B 6 2.79 2.05 -1.60
O4 T41 B 6 -0.47 2.05 -4.77
C1' T41 B 6 1.43 0.35 0.16
C2' T41 B 6 0.68 0.69 1.41
O2' T41 B 6 -0.70 0.49 1.30
C3' T41 B 6 1.24 -0.29 2.42
C4' T41 B 6 1.62 -1.48 1.53
O3' T41 B 6 2.42 0.17 3.06
O4' T41 B 6 1.57 -1.05 0.18
C5' T41 B 6 0.70 -2.69 1.68
O5' T41 B 6 -0.65 -2.36 1.38
C6' T41 B 6 -1.31 1.59 1.87
P T41 B 6 -1.77 -3.50 1.23
O1P T41 B 6 -1.83 -4.25 2.52
O2P T41 B 6 -3.01 -2.88 0.70
H3 T41 B 6 1.71 2.62 -3.73
H5M1 T41 B 6 -2.25 -0.06 -4.12
H5M2 T41 B 6 -2.65 -0.35 -2.41
H5M3 T41 B 6 -2.93 1.26 -3.12
H6 T41 B 6 -0.98 -0.17 -0.94
H1' T41 B 6 2.32 0.87 0.41
H2'1 T41 B 6 0.93 1.74 1.62
H3' T41 B 6 0.46 -0.52 3.15
H4' T41 B 6 2.64 -1.84 1.74
H5'1 T41 B 6 1.04 -3.45 0.97
H5'2 T41 B 6 0.77 -3.09 2.69
H11 T41 B 6 -1.06 2.45 1.23
H12 T41 B 6 -2.36 1.38 1.88
H13 T41 B 6 -0.90 1.72 2.87
N1 T41 B 6 0.89 0.84 -1.07
C2 T41 B 6 1.68 1.66 -1.87
N3 T41 B 6 1.14 2.03 -3.10
C4 T41 B 6 -0.10 1.66 -3.59
C5 T41 B 6 -0.86 0.83 -2.69
C5M T41 B 6 -2.26 0.38 -3.06
C6 T41 B 6 -0.36 0.45 -1.50
O2 T41 B 6 2.79 2.05 -1.54
O4 T41 B 6 -0.45 2.03 -4.71
C1' T41 B 6 1.44 0.37 0.22
C2' T41 B 6 0.69 0.72 1.48
O2' T41 B 6 -0.69 0.50 1.37
C3' T41 B 6 1.25 -0.25 2.50
C4' T41 B 6 1.64 -1.45 1.61
O3' T41 B 6 2.44 0.21 3.13
O4' T41 B 6 1.59 -1.04 0.25
C5' T41 B 6 0.71 -2.66 1.76
O5' T41 B 6 -0.63 -2.33 1.48
C6' T41 B 6 -1.30 1.62 1.93
P T41 B 6 -1.77 -3.48 1.34
O1P T41 B 6 -1.82 -4.22 2.62
O2P T41 B 6 -2.99 -2.85 0.80
H3 T41 B 6 1.73 2.62 -3.67
H5M1 T41 B 6 -2.63 -0.36 -2.35
H5M2 T41 B 6 -2.91 1.24 -3.06
H5M3 T41 B 6 -2.24 -0.07 -4.05
H6 T41 B 6 -0.97 -0.17 -0.86
H1' T41 B 6 2.34 0.88 0.49
H2'1 T41 B 6 0.93 1.76 1.68
H3' T41 B 6 0.47 -0.49 3.23
H4' T41 B 6 2.65 -1.81 1.82
H5'1 T41 B 6 1.06 -3.42 1.07
H5'2 T41 B 6 0.79 -3.05 2.78
H11 T41 B 6 -2.36 1.40 1.94
H12 T41 B 6 -0.89 1.75 2.93
H13 T41 B 6 -1.06 2.46 1.28
N1 T41 B 6 0.88 0.80 -1.09
C2 T41 B 6 1.67 1.63 -1.89
N3 T41 B 6 1.13 1.99 -3.11
C4 T41 B 6 -0.11 1.63 -3.61
C5 T41 B 6 -0.87 0.80 -2.71
C5M T41 B 6 -2.26 0.34 -3.08
C6 T41 B 6 -0.37 0.43 -1.52
O2 T41 B 6 2.79 2.03 -1.56
O4 T41 B 6 -0.46 2.01 -4.72
C1' T41 B 6 1.43 0.33 0.21
C2' T41 B 6 0.68 0.67 1.46
O2' T41 B 6 -0.69 0.46 1.34
C3' T41 B 6 1.24 -0.31 2.47
C4' T41 B 6 1.63 -1.49 1.58
O3' T41 B 6 2.43 0.16 3.11
O4' T41 B 6 1.58 -1.07 0.23
C5' T41 B 6 0.71 -2.71 1.73
O5' T41 B 6 -0.65 -2.39 1.44
C6' T41 B 6 -1.31 1.57 1.91
P T41 B 6 -1.77 -3.53 1.29
O1P T41 B 6 -1.83 -4.27 2.57
O2P T41 B 6 -2.99 -2.90 0.75
H3 T41 B 6 1.72 2.59 -3.67
H5M1 T41 B 6 -2.24 -0.10 -4.08
H5M2 T41 B 6 -2.64 -0.39 -2.37
H5M3 T41 B 6 -2.92 1.22 -3.08
H6 T41 B 6 -0.98 -0.20 -0.90
H1' T41 B 6 2.32 0.85 0.47
H2'1 T41 B 6 0.93 1.72 1.66
H3' T41 B 6 0.46 -0.54 3.20
H4' T41 B 6 2.65 -1.86 1.80
H5'1 T41 B 6 1.05 -3.47 1.03
H5'2 T41 B 6 0.78 -3.10 2.75
H11 T41 B 6 -2.37 1.35 1.92
H12 T41 B 6 -0.90 1.70 2.92
H13 T41 B 6 -1.07 2.42 1.27
N1 T41 B 6 0.87 0.82 -1.10
C2 T41 B 6 1.67 1.64 -1.90
N3 T41 B 6 1.12 2.01 -3.12
C4 T41 B 6 -0.11 1.64 -3.61
C5 T41 B 6 -0.88 0.81 -2.72
C5M T41 B 6 -2.27 0.36 -3.09
C6 T41 B 6 -0.37 0.44 -1.53
O2 T41 B 6 2.78 2.04 -1.57
O4 T41 B 6 -0.46 2.02 -4.74
C1' T41 B 6 1.43 0.34 0.19
C2' T41 B 6 0.68 0.70 1.45
O2' T41 B 6 -0.70 0.47 1.34
C3' T41 B 6 1.24 -0.28 2.46
C4' T41 B 6 1.63 -1.48 1.58
O3' T41 B 6 2.42 0.17 3.10
O4' T41 B 6 1.58 -1.06 0.22
C5' T41 B 6 0.70 -2.69 1.74
O5' T41 B 6 -0.64 -2.36 1.43
C6' T41 B 6 -1.32 1.59 1.90
P T41 B 6 -1.77 -3.51 1.30
O1P T41 B 6 -1.83 -4.25 2.58
O2P T41 B 6 -3.00 -2.88 0.76
H3 T41 B 6 1.71 2.60 -3.69
H5M1 T41 B 6 -2.65 -0.37 -2.38
H5M2 T41 B 6 -2.93 1.23 -3.08
H5M3 T41 B 6 -2.25 -0.09 -4.09
H6 T41 B 6 -0.98 -0.18 -0.90
H1' T41 B 6 2.33 0.87 0.45
H2'1 T41 B 6 0.92 1.74 1.65
H3' T41 B 6 0.46 -0.52 3.20
H4' T41 B 6 2.64 -1.84 1.79
H5'1 T41 B 6 1.04 -3.45 1.03
H5'2 T41 B 6 0.77 -3.08 2.75
H11 T41 B 6 -2.37 1.37 1.91
H12 T41 B 6 -0.91 1.72 2.90
H13 T41 B 6 -1.07 2.43 1.26
N1 T41 B 6 0.95 0.86 -0.98
C2 T41 B 6 1.75 1.68 -1.78
N3 T41 B 6 1.20 2.04 -3.00
C4 T41 B 6 -0.03 1.67 -3.50
C5 T41 B 6 -0.81 0.84 -2.59
C5M T41 B 6 -2.19 0.40 -2.96
C6 T41 B 6 -0.29 0.47 -1.40
O2 T41 B 6 2.87 2.07 -1.46
O4 T41 B 6 -0.40 2.05 -4.61
C1' T41 B 6 1.51 0.40 0.32
C2' T41 B 6 0.76 0.76 1.57
O2' T41 B 6 -0.61 0.54 1.46
C3' T41 B 6 1.33 -0.22 2.60
C4' T41 B 6 1.73 -1.42 1.72
O3' T41 B 6 2.51 0.26 3.22
O4' T41 B 6 1.66 -1.01 0.36
C5' T41 B 6 0.79 -2.63 1.87
O5' T41 B 6 -0.56 -2.30 1.59
C6' T41 B 6 -1.23 1.64 2.02
P T41 B 6 -1.69 -3.45 1.47
O1P T41 B 6 -1.74 -4.18 2.75
O2P T41 B 6 -2.92 -2.82 0.94
H3 T41 B 6 1.79 2.63 -3.58
H5M1 T41 B 6 -2.85 1.27 -2.95
H5M2 T41 B 6 -2.19 -0.05 -3.94
H5M3 T41 B 6 -2.57 -0.33 -2.23
H6 T41 B 6 -0.91 -0.14 -0.77
H1' T41 B 6 2.41 0.92 0.57
H2'1 T41 B 6 1.00 1.79 1.76
H3' T41 B 6 0.55 -0.45 3.32
H4' T41 B 6 2.73 -1.77 1.93
H5'1 T41 B 6 1.13 -3.39 1.18
H5'2 T41 B 6 0.86 -3.01 2.90
H11 T41 B 6 -2.29 1.43 2.04
H12 T41 B 6 -0.82 1.79 3.02
H13 T41 B 6 -0.99 2.48 1.37
N1 T41 B 6 0.94 0.86 -1.06
C2 T41 B 6 1.74 1.68 -1.87
N3 T41 B 6 1.19 2.05 -3.08
C4 T41 B 6 -0.05 1.69 -3.58
C5 T41 B 6 -0.81 0.85 -2.67
C5M T41 B 6 -2.21 0.41 -3.04
C6 T41 B 6 -0.31 0.48 -1.48
O2 T41 B 6 2.85 2.07 -1.53
O4 T41 B 6 -0.41 2.06 -4.69
C1' T41 B 6 1.50 0.39 0.24
C2' T41 B 6 0.76 0.73 1.49
O2' T41 B 6 -0.63 0.52 1.39
C3' T41 B 6 1.32 -0.25 2.50
C4' T41 B 6 1.71 -1.43 1.61
O3' T41 B 6 2.51 0.22 3.13
O4' T41 B 6 1.65 -1.02 0.26
C5' T41 B 6 0.78 -2.65 1.77
O5' T41 B 6 -0.57 -2.32 1.48
C6' T41 B 6 -1.23 1.63 1.94
P T41 B 6 -1.70 -3.46 1.35
O1P T41 B 6 -1.75 -4.20 2.63
O2P T41 B 6 -2.93 -2.83 0.82
H3 T41 B 6 1.77 2.64 -3.66
H5M1 T41 B 6 -2.86 1.29 -3.02
H5M2 T41 B 6 -2.20 -0.03 -4.03
H5M3 T41 B 6 -2.58 -0.32 -2.32
H6 T41 B 6 -0.91 -0.13 -0.85
H1' T41 B 6 2.39 0.91 0.49
H2'1 T41 B 6 1.00 1.78 1.69
H3' T41 B 6 0.55 -0.47 3.24
H4' T41 B 6 2.72 -1.79 1.82
H5'1 T41 B 6 1.12 -3.40 1.07
H5'2 T41 B 6 0.86 -3.04 2.78
H11 T41 B 6 -2.29 1.42 1.97
H12 T41 B 6 -0.82 1.76 2.95
H13 T41 B 6 -0.99 2.48 1.31
N1 T41 B 6 0.85 0.85 -1.11
C2 T41 B 6 1.65 1.66 -1.91
N3 T41 B 6 1.11 2.03 -3.13
C4 T41 B 6 -0.13 1.67 -3.62
C5 T41 B 6 -0.91 0.85 -2.72
C5M T41 B 6 -2.31 0.41 -3.08
C6 T41 B 6 -0.40 0.47 -1.52
O2 T41 B 6 2.77 2.04 -1.59
O4 T41 B 6 -0.49 2.04 -4.74
C1' T41 B 6 1.40 0.37 0.19
C2' T41 B 6 0.67 0.72 1.44
O2' T41 B 6 -0.71 0.52 1.35
C3' T41 B 6 1.23 -0.25 2.46
C4' T41 B 6 1.61 -1.45 1.58
O3' T41 B 6 2.42 0.21 3.09
O4' T41 B 6 1.55 -1.03 0.22
C5' T41 B 6 0.67 -2.65 1.74
O5' T41 B 6 -0.68 -2.32 1.45
C6' T41 B 6 -1.32 1.63 1.90
P T41 B 6 -1.82 -3.46 1.31
O1P T41 B 6 -1.88 -4.20 2.60
O2P T41 B 6 -3.04 -2.82 0.78
H3 T41 B 6 1.69 2.61 -3.71
H5M1 T41 B 6 -2.68 -0.32 -2.36
H5M2 T41 B 6 -2.95 1.28 -3.07
H5M3 T41 B 6 -2.29 -0.04 -4.07
H6 T41 B 6 -1.01 -0.14 -0.89
H1' T41 B 6 2.31 0.89 0.44
H2'1 T41 B 6 0.92 1.77 1.64
H3' T41 B 6 0.45 -0.47 3.20
H4' T41 B 6 2.61 -1.82 1.79
H5'1 T41 B 6 1.00 -3.42 1.03
H5'2 T41 B 6 0.74 -3.05 2.75
H11 T41 B 6 -2.38 1.43 1.93
H12 T41 B 6 -0.90 1.76 2.91
H13 T41 B 6 -1.07 2.48 1.26
N1 T41 B 6 0.87 0.85 -1.13
C2 T41 B 6 1.67 1.67 -1.92
N3 T41 B 6 1.13 2.04 -3.15
C4 T41 B 6 -0.11 1.68 -3.65
C5 T41 B 6 -0.88 0.84 -2.75
C5M T41 B 6 -2.28 0.41 -3.12
C6 T41 B 6 -0.38 0.47 -1.56
O2 T41 B 6 2.78 2.06 -1.59
O4 T41 B 6 -0.47 2.05 -4.76
C1' T41 B 6 1.42 0.37 0.17
C2' T41 B 6 0.67 0.73 1.42
O2' T41 B 6 -0.71 0.51 1.31
C3' T41 B 6 1.23 -0.26 2.43
C4' T41 B 6 1.61 -1.46 1.55
O3' T41 B 6 2.42 0.20 3.07
O4' T41 B 6 1.56 -1.04 0.19
C5' T41 B 6 0.68 -2.66 1.70
O5' T41 B 6 -0.66 -2.32 1.40
C6' T41 B 6 -1.32 1.62 1.87
P T41 B 6 -1.79 -3.47 1.26
O1P T41 B 6 -1.86 -4.22 2.54
O2P T41 B 6 -3.02 -2.84 0.71
H3 T41 B 6 1.72 2.63 -3.72
H5M1 T41 B 6 -2.66 -0.33 -2.40
H5M2 T41 B 6 -2.92 1.28 -3.12
H5M3 T41 B 6 -2.26 -0.04 -4.11
H6 T41 B 6 -0.99 -0.15 -0.93
H1' T41 B 6 2.32 0.89 0.43
H2'1 T41 B 6 0.92 1.76 1.62
H3' T41 B 6 0.45 -0.48 3.16
H4' T41 B 6 2.62 -1.82 1.75
H5'1 T41 B 6 1.03 -3.42 0.99
H5'2 T41 B 6 0.75 -3.05 2.71
H11 T41 B 6 -2.37 1.41 1.88
H12 T41 B 6 -0.91 1.75 2.88
H13 T41 B 6 -1.07 2.47 1.24
N1 T41 B 6 0.79 0.92 -1.15
C2 T41 B 6 1.60 1.73 -1.94
N3 T41 B 6 1.09 2.09 -3.18
C4 T41 B 6 -0.14 1.75 -3.70
C5 T41 B 6 -0.94 0.93 -2.81
C5M T41 B 6 -2.33 0.50 -3.21
C6 T41 B 6 -0.46 0.55 -1.60
O2 T41 B 6 2.72 2.11 -1.60
O4 T41 B 6 -0.47 2.12 -4.82
C1' T41 B 6 1.30 0.44 0.15
C2' T41 B 6 0.55 0.80 1.39
O2' T41 B 6 -0.84 0.61 1.26
C3' T41 B 6 1.06 -0.19 2.42
C4' T41 B 6 1.45 -1.39 1.54
O3' T41 B 6 2.24 0.24 3.08
O4' T41 B 6 1.43 -0.97 0.18
C5' T41 B 6 0.51 -2.59 1.67
O5' T41 B 6 -0.83 -2.25 1.35
C6' T41 B 6 -1.44 1.73 1.80
P T41 B 6 -1.97 -3.38 1.19
O1P T41 B 6 -2.06 -4.12 2.47
O2P T41 B 6 -3.18 -2.73 0.62
H3 T41 B 6 1.69 2.69 -3.74
H5M1 T41 B 6 -2.29 0.05 -4.19
H5M2 T41 B 6 -2.73 -0.23 -2.49
H5M3 T41 B 6 -2.97 1.37 -3.21
H6 T41 B 6 -1.08 -0.06 -0.99
H1' T41 B 6 2.21 0.95 0.42
H2'1 T41 B 6 0.80 1.84 1.60
H3' T41 B 6 0.27 -0.40 3.13
H4' T41 B 6 2.45 -1.77 1.76
H5'1 T41 B 6 0.86 -3.35 0.97
H5'2 T41 B 6 0.56 -2.98 2.69
H11 T41 B 6 -2.51 1.53 1.79
H12 T41 B 6 -1.05 1.87 2.80
H13 T41 B 6 -1.17 2.57 1.16
N1 T41 B 6 0.88 0.87 -1.15
C2 T41 B 6 1.67 1.69 -1.94
N3 T41 B 6 1.13 2.05 -3.17
C4 T41 B 6 -0.10 1.68 -3.67
C5 T41 B 6 -0.88 0.86 -2.77
C5M T41 B 6 -2.26 0.42 -3.14
C6 T41 B 6 -0.37 0.48 -1.57
O2 T41 B 6 2.79 2.08 -1.61
O4 T41 B 6 -0.46 2.06 -4.78
C1' T41 B 6 1.42 0.39 0.15
C2' T41 B 6 0.68 0.75 1.40
O2' T41 B 6 -0.70 0.53 1.29
C3' T41 B 6 1.23 -0.23 2.42
C4' T41 B 6 1.62 -1.43 1.53
O3' T41 B 6 2.43 0.23 3.06
O4' T41 B 6 1.58 -1.01 0.18
C5' T41 B 6 0.69 -2.64 1.68
O5' T41 B 6 -0.65 -2.31 1.40
C6' T41 B 6 -1.31 1.65 1.85
P T41 B 6 -1.79 -3.45 1.26
O1P T41 B 6 -1.84 -4.19 2.54
O2P T41 B 6 -3.01 -2.82 0.71
H3 T41 B 6 1.72 2.64 -3.75
H5M1 T41 B 6 -2.65 -0.31 -2.42
H5M2 T41 B 6 -2.92 1.29 -3.13
H5M3 T41 B 6 -2.25 -0.04 -4.13
H6 T41 B 6 -0.99 -0.14 -0.95
H1' T41 B 6 2.33 0.92 0.41
H2'1 T41 B 6 0.92 1.79 1.60
H3' T41 B 6 0.46 -0.46 3.14
H4' T41 B 6 2.64 -1.79 1.75
H5'1 T41 B 6 1.03 -3.39 0.99
H5'2 T41 B 6 0.76 -3.02 2.71
H11 T41 B 6 -2.37 1.44 1.86
H12 T41 B 6 -0.90 1.79 2.85
H13 T41 B 6 -1.06 2.50 1.21
N1 T41 B 6 0.87 0.82 -1.12
C2 T41 B 6 1.66 1.64 -1.92
N3 T41 B 6 1.13 2.01 -3.14
C4 T41 B 6 -0.11 1.65 -3.64
C5 T41 B 6 -0.88 0.81 -2.74
C5M T41 B 6 -2.28 0.36 -3.11
C6 T41 B 6 -0.37 0.44 -1.54
O2 T41 B 6 2.78 2.04 -1.58
O4 T41 B 6 -0.48 2.02 -4.75
C1' T41 B 6 1.42 0.34 0.18
C2' T41 B 6 0.68 0.69 1.43
O2' T41 B 6 -0.70 0.47 1.32
C3' T41 B 6 1.24 -0.29 2.44
C4' T41 B 6 1.63 -1.48 1.56
O3' T41 B 6 2.42 0.17 3.08
O4' T41 B 6 1.57 -1.06 0.20
C5' T41 B 6 0.70 -2.70 1.70
O5' T41 B 6 -0.65 -2.37 1.41
C6' T41 B 6 -1.31 1.58 1.89
P T41 B 6 -1.78 -3.51 1.27
O1P T41 B 6 -1.84 -4.26 2.56
O2P T41 B 6 -3.01 -2.89 0.74
H3 T41 B 6 1.70 2.61 -3.71
H5M1 T41 B 6 -2.25 -0.08 -4.11
H5M2 T41 B 6 -2.65 -0.36 -2.40
H5M3 T41 B 6 -2.93 1.24 -3.10
H6 T41 B 6 -0.98 -0.19 -0.92
H1' T41 B 6 2.32 0.87 0.44
H2'1 T41 B 6 0.92 1.73 1.63
H3' T41 B 6 0.45 -0.52 3.18
H4' T41 B 6 2.63 -1.85 1.77
H5'1 T41 B 6 1.04 -3.45 0.99
H5'2 T41 B 6 0.77 -3.09 2.72
H11 T41 B 6 -2.38 1.37 1.90
H12 T41 B 6 -0.91 1.72 2.89
H13 T41 B 6 -1.07 2.44 1.25
N1 T41 B 6 0.85 0.85 -1.13
C2 T41 B 6 1.65 1.67 -1.93
N3 T41 B 6 1.12 2.03 -3.15
C4 T41 B 6 -0.13 1.66 -3.65
C5 T41 B 6 -0.89 0.84 -2.76
C5M T41 B 6 -2.28 0.39 -3.14
C6 T41 B 6 -0.39 0.46 -1.56
O2 T41 B 6 2.76 2.06 -1.59
O4 T41 B 6 -0.48 2.04 -4.77
C1' T41 B 6 1.40 0.38 0.17
C2' T41 B 6 0.64 0.73 1.42
O2' T41 B 6 -0.74 0.52 1.31
C3' T41 B 6 1.20 -0.24 2.44
C4' T41 B 6 1.59 -1.44 1.56
O3' T41 B 6 2.38 0.23 3.08
O4' T41 B 6 1.53 -1.02 0.20
C5' T41 B 6 0.66 -2.64 1.72
O5' T41 B 6 -0.69 -2.32 1.42
C6' T41 B 6 -1.35 1.64 1.85
P T41 B 6 -1.81 -3.46 1.28
O1P T41 B 6 -1.88 -4.20 2.55
O2P T41 B 6 -3.04 -2.83 0.73
H3 T41 B 6 1.70 2.62 -3.73
H5M1 T41 B 6 -2.26 -0.07 -4.13
H5M2 T41 B 6 -2.66 -0.34 -2.41
H5M3 T41 B 6 -2.94 1.26 -3.13
H6 T41 B 6 -1.01 -0.15 -0.93
H1' T41 B 6 2.30 0.90 0.43
H2'1 T41 B 6 0.89 1.78 1.62
H3' T41 B 6 0.42 -0.47 3.17
H4' T41 B 6 2.59 -1.80 1.78
H5'1 T41 B 6 1.00 -3.41 1.01
H5'2 T41 B 6 0.72 -3.03 2.73
H11 T41 B 6 -2.41 1.43 1.87
H12 T41 B 6 -0.94 1.77 2.85
H13 T41 B 6 -1.11 2.48 1.21
N1 T41 B 6 0.88 0.84 -1.11
C2 T41 B 6 1.68 1.67 -1.90
N3 T41 B 6 1.14 2.03 -3.13
C4 T41 B 6 -0.10 1.67 -3.63
C5 T41 B 6 -0.87 0.84 -2.73
C5M T41 B 6 -2.26 0.39 -3.10
C6 T41 B 6 -0.36 0.46 -1.53
O2 T41 B 6 2.80 2.05 -1.58
O4 T41 B 6 -0.45 2.04 -4.74
C1' T41 B 6 1.44 0.37 0.19
C2' T41 B 6 0.69 0.72 1.43
O2' T41 B 6 -0.68 0.50 1.33
C3' T41 B 6 1.25 -0.27 2.45
C4' T41 B 6 1.64 -1.45 1.56
O3' T41 B 6 2.43 0.20 3.09
O4' T41 B 6 1.58 -1.04 0.20
C5' T41 B 6 0.71 -2.66 1.72
O5' T41 B 6 -0.63 -2.33 1.43
C6' T41 B 6 -1.30 1.61 1.89
P T41 B 6 -1.77 -3.49 1.29
O1P T41 B 6 -1.82 -4.23 2.57
O2P T41 B 6 -2.99 -2.85 0.75
H3 T41 B 6 1.72 2.62 -3.71
H5M1 T41 B 6 -2.92 1.26 -3.09
H5M2 T41 B 6 -2.24 -0.06 -4.09
H5M3 T41 B 6 -2.64 -0.34 -2.38
H6 T41 B 6 -0.97 -0.16 -0.91
H1' T41 B 6 2.33 0.88 0.44
H2'1 T41 B 6 0.94 1.75 1.63
H3' T41 B 6 0.47 -0.49 3.18
H4' T41 B 6 2.65 -1.82 1.77
H5'1 T41 B 6 1.05 -3.42 1.02
H5'2 T41 B 6 0.78 -3.06 2.73
H11 T41 B 6 -2.36 1.40 1.90
H12 T41 B 6 -0.89 1.75 2.89
H13 T41 B 6 -1.05 2.46 1.25
N1 T41 B 6 0.91 0.85 -1.11
C2 T41 B 6 1.70 1.67 -1.90
N3 T41 B 6 1.16 2.04 -3.13
C4 T41 B 6 -0.08 1.67 -3.62
C5 T41 B 6 -0.84 0.84 -2.72
C5M T41 B 6 -2.24 0.39 -3.09
C6 T41 B 6 -0.34 0.47 -1.53
O2 T41 B 6 2.82 2.07 -1.57
O4 T41 B 6 -0.44 2.05 -4.74
C1' T41 B 6 1.46 0.37 0.19
C2' T41 B 6 0.71 0.72 1.44
O2' T41 B 6 -0.66 0.50 1.34
C3' T41 B 6 1.28 -0.26 2.46
C4' T41 B 6 1.67 -1.46 1.57
O3' T41 B 6 2.46 0.19 3.09
O4' T41 B 6 1.61 -1.03 0.21
C5' T41 B 6 0.73 -2.67 1.71
O5' T41 B 6 -0.61 -2.34 1.43
C6' T41 B 6 -1.28 1.60 1.90
P T41 B 6 -1.74 -3.49 1.28
O1P T41 B 6 -1.80 -4.23 2.56
O2P T41 B 6 -2.97 -2.86 0.75
H3 T41 B 6 1.74 2.64 -3.70
H5M1 T41 B 6 -2.62 -0.34 -2.38
H5M2 T41 B 6 -2.89 1.26 -3.08
H5M3 T41 B 6 -2.23 -0.05 -4.08
H6 T41 B 6 -0.94 -0.16 -0.90
H1' T41 B 6 2.36 0.89 0.45
H2'1 T41 B 6 0.96 1.75 1.64
H3' T41 B 6 0.50 -0.50 3.19
H4' T41 B 6 2.68 -1.82 1.78
H5'1 T41 B 6 1.08 -3.42 1.01
H5'2 T41 B 6 0.81 -3.07 2.73
H11 T41 B 6 -0.87 1.73 2.90
H12 T41 B 6 -1.04 2.45 1.26
H13 T41 B 6 -2.34 1.39 1.91
N1 T41 B 6 1.00 0.90 -1.02
C2 T41 B 6 1.79 1.71 -1.83
N3 T41 B 6 1.24 2.08 -3.05
C4 T41 B 6 0.00 1.72 -3.54
C5 T41 B 6 -0.77 0.89 -2.62
C5M T41 B 6 -2.17 0.46 -2.98
C6 T41 B 6 -0.25 0.52 -1.43
O2 T41 B 6 2.91 2.10 -1.51
O4 T41 B 6 -0.37 2.10 -4.64
C1' T41 B 6 1.56 0.42 0.27
C2' T41 B 6 0.82 0.77 1.53
O2' T41 B 6 -0.55 0.55 1.43
C3' T41 B 6 1.40 -0.21 2.54
C4' T41 B 6 1.78 -1.40 1.65
O3' T41 B 6 2.58 0.25 3.16
O4' T41 B 6 1.71 -0.99 0.29
C5' T41 B 6 0.85 -2.61 1.81
O5' T41 B 6 -0.50 -2.29 1.54
C6' T41 B 6 -1.17 1.65 2.00
P T41 B 6 -1.64 -3.42 1.40
O1P T41 B 6 -1.67 -4.17 2.68
O2P T41 B 6 -2.87 -2.79 0.88
H3 T41 B 6 1.82 2.67 -3.62
H5M1 T41 B 6 -2.16 0.01 -3.98
H5M2 T41 B 6 -2.54 -0.28 -2.26
H5M3 T41 B 6 -2.82 1.34 -2.97
H6 T41 B 6 -0.86 -0.11 -0.81
H1' T41 B 6 2.46 0.94 0.52
H2'1 T41 B 6 1.06 1.81 1.73
H3' T41 B 6 0.62 -0.44 3.28
H4' T41 B 6 2.79 -1.76 1.85
H5'1 T41 B 6 1.18 -3.37 1.10
H5'2 T41 B 6 0.93 -3.01 2.82
H11 T41 B 6 -2.23 1.43 2.01
H12 T41 B 6 -0.75 1.79 2.99
H13 T41 B 6 -0.93 2.51 1.35
N1 T41 B 6 0.93 0.86 -1.08
C2 T41 B 6 1.72 1.68 -1.88
N3 T41 B 6 1.18 2.05 -3.11
C4 T41 B 6 -0.06 1.69 -3.60
C5 T41 B 6 -0.83 0.86 -2.70
C5M T41 B 6 -2.23 0.42 -3.06
C6 T41 B 6 -0.32 0.48 -1.51
O2 T41 B 6 2.83 2.07 -1.56
O4 T41 B 6 -0.42 2.06 -4.71
C1' T41 B 6 1.48 0.39 0.21
C2' T41 B 6 0.74 0.73 1.46
O2' T41 B 6 -0.64 0.52 1.36
C3' T41 B 6 1.30 -0.25 2.48
C4' T41 B 6 1.69 -1.44 1.58
O3' T41 B 6 2.49 0.22 3.11
O4' T41 B 6 1.63 -1.02 0.24
C5' T41 B 6 0.75 -2.65 1.74
O5' T41 B 6 -0.59 -2.33 1.45
C6' T41 B 6 -1.25 1.62 1.92
P T41 B 6 -1.73 -3.47 1.31
O1P T41 B 6 -1.78 -4.21 2.59
O2P T41 B 6 -2.95 -2.83 0.79
H3 T41 B 6 1.76 2.64 -3.67
H5M1 T41 B 6 -2.22 -0.03 -4.05
H5M2 T41 B 6 -2.60 -0.31 -2.34
H5M3 T41 B 6 -2.88 1.29 -3.05
H6 T41 B 6 -0.94 -0.14 -0.87
H1' T41 B 6 2.38 0.90 0.47
H2'1 T41 B 6 0.98 1.77 1.67
H3' T41 B 6 0.52 -0.48 3.21
H4' T41 B 6 2.70 -1.80 1.80
H5'1 T41 B 6 1.10 -3.41 1.04
H5'2 T41 B 6 0.83 -3.05 2.75
H11 T41 B 6 -2.31 1.41 1.94
H12 T41 B 6 -0.84 1.75 2.93
H13 T41 B 6 -1.02 2.47 1.29
N1 T41 B 6 0.92 0.84 -1.12
C2 T41 B 6 1.72 1.67 -1.92
N3 T41 B 6 1.18 2.03 -3.14
C4 T41 B 6 -0.06 1.66 -3.64
C5 T41 B 6 -0.84 0.83 -2.74
C5M T41 B 6 -2.22 0.40 -3.12
C6 T41 B 6 -0.32 0.46 -1.55
O2 T41 B 6 2.83 2.05 -1.59
O4 T41 B 6 -0.41 2.04 -4.76
C1' T41 B 6 1.47 0.37 0.18
C2' T41 B 6 0.73 0.72 1.42
O2' T41 B 6 -0.65 0.49 1.32
C3' T41 B 6 1.29 -0.27 2.44
C4' T41 B 6 1.68 -1.46 1.55
O3' T41 B 6 2.47 0.19 3.07
O4' T41 B 6 1.62 -1.04 0.19
C5' T41 B 6 0.75 -2.67 1.70
O5' T41 B 6 -0.60 -2.34 1.41
C6' T41 B 6 -1.27 1.60 1.88
P T41 B 6 -1.73 -3.49 1.28
O1P T41 B 6 -1.79 -4.23 2.55
O2P T41 B 6 -2.96 -2.85 0.73
H3 T41 B 6 1.76 2.62 -3.71
H5M1 T41 B 6 -2.88 1.27 -3.10
H5M2 T41 B 6 -2.21 -0.05 -4.10
H5M3 T41 B 6 -2.60 -0.34 -2.39
H6 T41 B 6 -0.94 -0.16 -0.92
H1' T41 B 6 2.37 0.88 0.43
H2'1 T41 B 6 0.98 1.75 1.63
H3' T41 B 6 0.52 -0.50 3.17
H4' T41 B 6 2.68 -1.82 1.76
H5'1 T41 B 6 1.09 -3.43 1.00
H5'2 T41 B 6 0.82 -3.06 2.72
H11 T41 B 6 -2.32 1.39 1.90
H12 T41 B 6 -0.86 1.73 2.89
H13 T41 B 6 -1.03 2.45 1.25
N1 T41 B 6 0.87 0.86 -1.09
C2 T41 B 6 1.67 1.67 -1.90
N3 T41 B 6 1.13 2.05 -3.12
C4 T41 B 6 -0.12 1.69 -3.61
C5 T41 B 6 -0.89 0.87 -2.70
C5M T41 B 6 -2.29 0.44 -3.06
C6 T41 B 6 -0.38 0.49 -1.51
O2 T41 B 6 2.79 2.06 -1.58
O4 T41 B 6 -0.48 2.06 -4.72
C1' T41 B 6 1.43 0.38 0.21
C2' T41 B 6 0.69 0.74 1.46
O2' T41 B 6 -0.69 0.54 1.36
C3' T41 B 6 1.25 -0.25 2.47
C4' T41 B 6 1.62 -1.44 1.58
O3' T41 B 6 2.44 0.21 3.10
O4' T41 B 6 1.57 -1.03 0.23
C5' T41 B 6 0.68 -2.64 1.74
O5' T41 B 6 -0.66 -2.31 1.45
C6' T41 B 6 -1.29 1.65 1.92
P T41 B 6 -1.81 -3.44 1.32
O1P T41 B 6 -1.85 -4.19 2.60
O2P T41 B 6 -3.03 -2.80 0.79
H3 T41 B 6 1.72 2.63 -3.69
H5M1 T41 B 6 -2.67 -0.29 -2.34
H5M2 T41 B 6 -2.93 1.32 -3.05
H5M3 T41 B 6 -2.28 -0.01 -4.06
H6 T41 B 6 -1.00 -0.12 -0.88
H1' T41 B 6 2.33 0.90 0.45
H2'1 T41 B 6 0.95 1.78 1.65
H3' T41 B 6 0.48 -0.47 3.20
H4' T41 B 6 2.63 -1.81 1.78
H5'1 T41 B 6 1.01 -3.41 1.03
H5'2 T41 B 6 0.76 -3.04 2.75
H11 T41 B 6 -2.35 1.45 1.95
H12 T41 B 6 -0.87 1.78 2.92
H13 T41 B 6 -1.05 2.49 1.28
N1 T41 B 6 0.89 0.83 -1.11
C2 T41 B 6 1.69 1.66 -1.90
N3 T41 B 6 1.15 2.03 -3.12
C4 T41 B 6 -0.09 1.66 -3.63
C5 T41 B 6 -0.86 0.83 -2.73
C5M T41 B 6 -2.25 0.38 -3.10
C6 T41 B 6 -0.35 0.45 -1.53
O2 T41 B 6 2.80 2.05 -1.57
O4 T41 B 6 -0.44 2.04 -4.74
C1' T41 B 6 1.45 0.36 0.19
C2' T41 B 6 0.70 0.71 1.44
O2' T41 B 6 -0.68 0.48 1.33
C3' T41 B 6 1.26 -0.28 2.46
C4' T41 B 6 1.66 -1.48 1.57
O3' T41 B 6 2.45 0.18 3.08
O4' T41 B 6 1.59 -1.05 0.21
C5' T41 B 6 0.72 -2.68 1.71
O5' T41 B 6 -0.63 -2.35 1.42
C6' T41 B 6 -1.29 1.60 1.90
P T41 B 6 -1.75 -3.50 1.28
O1P T41 B 6 -1.81 -4.24 2.56
O2P T41 B 6 -2.98 -2.86 0.74
H3 T41 B 6 1.73 2.63 -3.69
H5M1 T41 B 6 -2.63 -0.35 -2.38
H5M2 T41 B 6 -2.90 1.25 -3.08
H5M3 T41 B 6 -2.23 -0.06 -4.09
H6 T41 B 6 -0.96 -0.17 -0.91
H1' T41 B 6 2.35 0.88 0.44
H2'1 T41 B 6 0.94 1.74 1.64
H3' T41 B 6 0.48 -0.51 3.18
H4' T41 B 6 2.67 -1.83 1.77
H5'1 T41 B 6 1.06 -3.44 1.01
H5'2 T41 B 6 0.79 -3.07 2.73
H11 T41 B 6 -2.35 1.38 1.91
H12 T41 B 6 -0.87 1.72 2.90
H13 T41 B 6 -1.05 2.44 1.26
N1 T41 B 6 0.89 0.84 -1.12
C2 T41 B 6 1.69 1.68 -1.90
N3 T41 B 6 1.16 2.06 -3.13
C4 T41 B 6 -0.06 1.69 -3.64
C5 T41 B 6 -0.84 0.84 -2.76
C5M T41 B 6 -2.22 0.39 -3.15
C6 T41 B 6 -0.34 0.46 -1.57
O2 T41 B 6 2.80 2.07 -1.56
O4 T41 B 6 -0.41 2.08 -4.76
C1' T41 B 6 1.44 0.35 0.18
C2' T41 B 6 0.68 0.69 1.41
O2' T41 B 6 -0.70 0.46 1.30
C3' T41 B 6 1.23 -0.31 2.43
C4' T41 B 6 1.63 -1.49 1.53
O3' T41 B 6 2.40 0.15 3.08
O4' T41 B 6 1.59 -1.05 0.18
C5' T41 B 6 0.71 -2.71 1.65
O5' T41 B 6 -0.63 -2.39 1.35
C6' T41 B 6 -1.32 1.56 1.87
P T41 B 6 -1.76 -3.53 1.19
O1P T41 B 6 -1.83 -4.29 2.45
O2P T41 B 6 -2.98 -2.91 0.63
H3 T41 B 6 1.75 2.66 -3.69
H5M1 T41 B 6 -2.89 1.25 -3.14
H5M2 T41 B 6 -2.19 -0.04 -4.16
H5M3 T41 B 6 -2.60 -0.36 -2.46
H6 T41 B 6 -0.95 -0.17 -0.96
H1' T41 B 6 2.33 0.88 0.44
H2'1 T41 B 6 0.91 1.72 1.64
H3' T41 B 6 0.45 -0.55 3.14
H4' T41 B 6 2.65 -1.85 1.75
H5'1 T41 B 6 1.06 -3.46 0.95
H5'2 T41 B 6 0.77 -3.11 2.67
H11 T41 B 6 -2.38 1.34 1.87
H12 T41 B 6 -0.93 1.69 2.88
H13 T41 B 6 -1.08 2.42 1.24
N1 T41 B 6 0.88 0.83 -1.09
C2 T41 B 6 1.67 1.64 -1.89
N3 T41 B 6 1.13 2.02 -3.11
C4 T41 B 6 -0.10 1.65 -3.61
C5 T41 B 6 -0.88 0.82 -2.71
C5M T41 B 6 -2.27 0.36 -3.08
C6 T41 B 6 -0.37 0.45 -1.51
O2 T41 B 6 2.78 2.04 -1.56
O4 T41 B 6 -0.47 2.03 -4.72
C1' T41 B 6 1.43 0.35 0.20
C2' T41 B 6 0.68 0.71 1.45
O2' T41 B 6 -0.70 0.49 1.35
C3' T41 B 6 1.24 -0.28 2.47
C4' T41 B 6 1.64 -1.47 1.59
O3' T41 B 6 2.42 0.18 3.10
O4' T41 B 6 1.58 -1.05 0.23
C5' T41 B 6 0.69 -2.68 1.74
O5' T41 B 6 -0.64 -2.36 1.45
C6' T41 B 6 -1.32 1.60 1.91
P T41 B 6 -1.78 -3.50 1.31
O1P T41 B 6 -1.83 -4.24 2.59
O2P T41 B 6 -3.00 -2.87 0.77
H3 T41 B 6 1.71 2.61 -3.68
H5M1 T41 B 6 -2.64 -0.36 -2.37
H5M2 T41 B 6 -2.92 1.24 -3.07
H5M3 T41 B 6 -2.25 -0.08 -4.07
H6 T41 B 6 -0.98 -0.18 -0.89
H1' T41 B 6 2.32 0.87 0.46
H2'1 T41 B 6 0.93 1.74 1.65
H3' T41 B 6 0.46 -0.50 3.20
H4' T41 B 6 2.64 -1.84 1.80
H5'1 T41 B 6 1.05 -3.44 1.04
H5'2 T41 B 6 0.77 -3.07 2.76
H11 T41 B 6 -2.37 1.39 1.92
H12 T41 B 6 -0.90 1.73 2.91
H13 T41 B 6 -1.06 2.45 1.27
N1 T41 B 6 0.89 0.84 -1.10
C2 T41 B 6 1.68 1.66 -1.89
N3 T41 B 6 1.14 2.03 -3.12
C4 T41 B 6 -0.09 1.67 -3.61
C5 T41 B 6 -0.86 0.83 -2.71
C5M T41 B 6 -2.26 0.39 -3.08
C6 T41 B 6 -0.36 0.46 -1.51
O2 T41 B 6 2.80 2.06 -1.56
O4 T41 B 6 -0.45 2.04 -4.73
C1' T41 B 6 1.45 0.37 0.21
C2' T41 B 6 0.70 0.71 1.45
O2' T41 B 6 -0.67 0.50 1.34
C3' T41 B 6 1.26 -0.27 2.47
C4' T41 B 6 1.65 -1.46 1.58
O3' T41 B 6 2.45 0.19 3.10
O4' T41 B 6 1.59 -1.04 0.23
C5' T41 B 6 0.72 -2.67 1.74
O5' T41 B 6 -0.63 -2.34 1.44
C6' T41 B 6 -1.29 1.60 1.91
P T41 B 6 -1.76 -3.49 1.30
O1P T41 B 6 -1.82 -4.23 2.58
O2P T41 B 6 -2.99 -2.85 0.76
H3 T41 B 6 1.72 2.63 -3.69
H5M1 T41 B 6 -2.91 1.27 -3.06
H5M2 T41 B 6 -2.24 -0.06 -4.07
H5M3 T41 B 6 -2.63 -0.34 -2.36
H6 T41 B 6 -0.97 -0.16 -0.89
H1' T41 B 6 2.35 0.88 0.46
H2'1 T41 B 6 0.94 1.76 1.65
H3' T41 B 6 0.48 -0.49 3.20
H4' T41 B 6 2.66 -1.83 1.79
H5'1 T41 B 6 1.06 -3.43 1.03
H5'2 T41 B 6 0.79 -3.06 2.75
H11 T41 B 6 -2.36 1.39 1.92
H12 T41 B 6 -0.89 1.74 2.91
H13 T41 B 6 -1.05 2.46 1.27
N1 T41 B 6 0.93 0.86 -1.10
C2 T41 B 6 1.72 1.68 -1.89
N3 T41 B 6 1.18 2.06 -3.12
C4 T41 B 6 -0.05 1.69 -3.61
C5 T41 B 6 -0.83 0.86 -2.72
C5M T41 B 6 -2.22 0.42 -3.08
C6 T41 B 6 -0.32 0.48 -1.52
O2 T41 B 6 2.84 2.08 -1.57
O4 T41 B 6 -0.42 2.07 -4.73
C1' T41 B 6 1.48 0.38 0.20
C2' T41 B 6 0.74 0.73 1.45
O2' T41 B 6 -0.63 0.51 1.34
C3' T41 B 6 1.31 -0.25 2.46
C4' T41 B 6 1.69 -1.45 1.57
O3' T41 B 6 2.50 0.21 3.09
O4' T41 B 6 1.64 -1.02 0.22
C5' T41 B 6 0.76 -2.66 1.72
O5' T41 B 6 -0.58 -2.33 1.43
C6' T41 B 6 -1.25 1.62 1.91
P T41 B 6 -1.72 -3.47 1.29
O1P T41 B 6 -1.76 -4.22 2.57
O2P T41 B 6 -2.94 -2.83 0.76
H3 T41 B 6 1.76 2.65 -3.69
H5M1 T41 B 6 -2.20 -0.03 -4.08
H5M2 T41 B 6 -2.60 -0.31 -2.37
H5M3 T41 B 6 -2.87 1.29 -3.06
H6 T41 B 6 -0.93 -0.14 -0.90
H1' T41 B 6 2.39 0.90 0.44
H2'1 T41 B 6 0.98 1.77 1.65
H3' T41 B 6 0.53 -0.49 3.19
H4' T41 B 6 2.71 -1.80 1.77
H5'1 T41 B 6 1.10 -3.41 1.01
H5'2 T41 B 6 0.84 -3.06 2.73
H11 T41 B 6 -2.30 1.40 1.93
H12 T41 B 6 -0.84 1.74 2.91
H13 T41 B 6 -1.01 2.47 1.27
N1 T41 B 6 0.84 0.84 -1.12
C2 T41 B 6 1.64 1.65 -1.92
N3 T41 B 6 1.09 2.02 -3.15
C4 T41 B 6 -0.15 1.66 -3.64
C5 T41 B 6 -0.92 0.84 -2.73
C5M T41 B 6 -2.32 0.40 -3.10
C6 T41 B 6 -0.41 0.46 -1.55
O2 T41 B 6 2.75 2.04 -1.60
O4 T41 B 6 -0.51 2.04 -4.75
C1' T41 B 6 1.39 0.36 0.18
C2' T41 B 6 0.65 0.72 1.42
O2' T41 B 6 -0.73 0.52 1.32
C3' T41 B 6 1.21 -0.27 2.45
C4' T41 B 6 1.58 -1.46 1.55
O3' T41 B 6 2.40 0.19 3.07
O4' T41 B 6 1.53 -1.05 0.19
C5' T41 B 6 0.65 -2.66 1.71
O5' T41 B 6 -0.70 -2.33 1.43
C6' T41 B 6 -1.34 1.63 1.89
P T41 B 6 -1.84 -3.47 1.29
O1P T41 B 6 -1.89 -4.21 2.57
O2P T41 B 6 -3.06 -2.83 0.76
H3 T41 B 6 1.68 2.60 -3.72
H5M1 T41 B 6 -2.30 -0.05 -4.10
H5M2 T41 B 6 -2.70 -0.33 -2.38
H5M3 T41 B 6 -2.96 1.28 -3.09
H6 T41 B 6 -1.02 -0.15 -0.91
H1' T41 B 6 2.29 0.88 0.43
H2'1 T41 B 6 0.91 1.76 1.63
H3' T41 B 6 0.43 -0.49 3.17
H4' T41 B 6 2.59 -1.83 1.76
H5'1 T41 B 6 0.98 -3.43 1.01
H5'2 T41 B 6 0.72 -3.05 2.73
H11 T41 B 6 -2.39 1.42 1.90
H12 T41 B 6 -0.92 1.76 2.89
H13 T41 B 6 -1.08 2.48 1.25
N1 T41 B 6 0.84 0.83 -1.09
C2 T41 B 6 1.64 1.64 -1.89
N3 T41 B 6 1.10 2.00 -3.12
C4 T41 B 6 -0.14 1.64 -3.61
C5 T41 B 6 -0.92 0.82 -2.71
C5M T41 B 6 -2.31 0.38 -3.07
C6 T41 B 6 -0.41 0.45 -1.51
O2 T41 B 6 2.75 2.03 -1.56
O4 T41 B 6 -0.51 2.01 -4.72
C1' T41 B 6 1.39 0.34 0.21
C2' T41 B 6 0.65 0.71 1.46
O2' T41 B 6 -0.73 0.50 1.36
C3' T41 B 6 1.21 -0.28 2.48
C4' T41 B 6 1.59 -1.48 1.58
O3' T41 B 6 2.40 0.18 3.11
O4' T41 B 6 1.53 -1.06 0.23
C5' T41 B 6 0.65 -2.68 1.74
O5' T41 B 6 -0.69 -2.35 1.46
C6' T41 B 6 -1.33 1.61 1.91
P T41 B 6 -1.83 -3.48 1.32
O1P T41 B 6 -1.89 -4.23 2.60
O2P T41 B 6 -3.06 -2.85 0.79
H3 T41 B 6 1.68 2.59 -3.69
H5M1 T41 B 6 -2.69 -0.35 -2.36
H5M2 T41 B 6 -2.97 1.25 -3.06
H5M3 T41 B 6 -2.30 -0.07 -4.06
H6 T41 B 6 -1.02 -0.17 -0.89
H1' T41 B 6 2.30 0.86 0.45
H2'1 T41 B 6 0.90 1.74 1.66
H3' T41 B 6 0.43 -0.51 3.21
H4' T41 B 6 2.59 -1.85 1.79
H5'1 T41 B 6 0.99 -3.45 1.04
H5'2 T41 B 6 0.72 -3.07 2.76
H11 T41 B 6 -2.39 1.40 1.93
H12 T41 B 6 -0.92 1.73 2.92
H13 T41 B 6 -1.09 2.45 1.27
N1 T41 B 6 0.84 0.82 -1.09
C2 T41 B 6 1.63 1.63 -1.89
N3 T41 B 6 1.09 1.99 -3.11
C4 T41 B 6 -0.15 1.63 -3.60
C5 T41 B 6 -0.92 0.81 -2.70
C5M T41 B 6 -2.32 0.37 -3.07
C6 T41 B 6 -0.41 0.43 -1.51
O2 T41 B 6 2.75 2.03 -1.56
O4 T41 B 6 -0.51 2.01 -4.72
C1' T41 B 6 1.39 0.34 0.21
C2' T41 B 6 0.65 0.69 1.46
O2' T41 B 6 -0.73 0.49 1.36
C3' T41 B 6 1.21 -0.28 2.48
C4' T41 B 6 1.59 -1.48 1.59
O3' T41 B 6 2.40 0.18 3.11
O4' T41 B 6 1.54 -1.06 0.23
C5' T41 B 6 0.65 -2.69 1.74
O5' T41 B 6 -0.68 -2.35 1.45
C6' T41 B 6 -1.34 1.60 1.92
P T41 B 6 -1.83 -3.50 1.32
O1P T41 B 6 -1.89 -4.24 2.60
O2P T41 B 6 -3.05 -2.87 0.78
H3 T41 B 6 1.68 2.59 -3.68
H5M1 T41 B 6 -2.69 -0.36 -2.35
H5M2 T41 B 6 -2.96 1.24 -3.06
H5M3 T41 B 6 -2.30 -0.08 -4.06
H6 T41 B 6 -1.02 -0.18 -0.88
H1' T41 B 6 2.30 0.86 0.46
H2'1 T41 B 6 0.90 1.74 1.66
H3' T41 B 6 0.43 -0.51 3.21
H4' T41 B 6 2.59 -1.85 1.79
H5'1 T41 B 6 0.99 -3.45 1.04
H5'2 T41 B 6 0.72 -3.07 2.76
H11 T41 B 6 -2.39 1.40 1.94
H12 T41 B 6 -0.92 1.73 2.92
H13 T41 B 6 -1.09 2.44 1.28
N1 T41 B 6 0.87 0.84 -1.13
C2 T41 B 6 1.67 1.66 -1.92
N3 T41 B 6 1.13 2.03 -3.15
C4 T41 B 6 -0.11 1.67 -3.64
C5 T41 B 6 -0.88 0.84 -2.75
C5M T41 B 6 -2.27 0.39 -3.12
C6 T41 B 6 -0.37 0.46 -1.55
O2 T41 B 6 2.78 2.05 -1.60
O4 T41 B 6 -0.47 2.05 -4.76
C1' T41 B 6 1.43 0.36 0.17
C2' T41 B 6 0.68 0.71 1.41
O2' T41 B 6 -0.70 0.50 1.31
C3' T41 B 6 1.25 -0.27 2.43
C4' T41 B 6 1.63 -1.47 1.55
O3' T41 B 6 2.42 0.18 3.07
O4' T41 B 6 1.57 -1.04 0.19
C5' T41 B 6 0.69 -2.67 1.69
O5' T41 B 6 -0.65 -2.35 1.40
C6' T41 B 6 -1.30 1.60 1.88
P T41 B 6 -1.78 -3.49 1.26
O1P T41 B 6 -1.84 -4.23 2.53
O2P T41 B 6 -3.00 -2.86 0.72
H3 T41 B 6 1.71 2.62 -3.72
H5M1 T41 B 6 -2.25 -0.05 -4.11
H5M2 T41 B 6 -2.65 -0.34 -2.40
H5M3 T41 B 6 -2.92 1.27 -3.11
H6 T41 B 6 -0.98 -0.16 -0.93
H1' T41 B 6 2.32 0.88 0.42
H2'1 T41 B 6 0.93 1.75 1.63
H3' T41 B 6 0.46 -0.51 3.16
H4' T41 B 6 2.64 -1.83 1.75
H5'1 T41 B 6 1.04 -3.43 0.99
H5'2 T41 B 6 0.77 -3.07 2.71
H11 T41 B 6 -2.37 1.39 1.89
H12 T41 B 6 -0.90 1.73 2.88
H13 T41 B 6 -1.06 2.45 1.24
N1 T41 B 6 0.93 0.87 -1.09
C2 T41 B 6 1.72 1.68 -1.89
N3 T41 B 6 1.17 2.06 -3.11
C4 T41 B 6 -0.07 1.69 -3.61
C5 T41 B 6 -0.83 0.86 -2.70
C5M T41 B 6 -2.23 0.42 -3.07
C6 T41 B 6 -0.32 0.49 -1.52
O2 T41 B 6 2.83 2.08 -1.57
O4 T41 B 6 -0.43 2.06 -4.72
C1' T41 B 6 1.48 0.39 0.20
C2' T41 B 6 0.73 0.74 1.45
O2' T41 B 6 -0.65 0.52 1.35
C3' T41 B 6 1.30 -0.25 2.47
C4' T41 B 6 1.69 -1.44 1.58
O3' T41 B 6 2.48 0.22 3.10
O4' T41 B 6 1.63 -1.02 0.22
C5' T41 B 6 0.75 -2.65 1.74
O5' T41 B 6 -0.59 -2.32 1.45
C6' T41 B 6 -1.26 1.63 1.91
P T41 B 6 -1.72 -3.46 1.31
O1P T41 B 6 -1.78 -4.20 2.59
O2P T41 B 6 -2.95 -2.83 0.78
H3 T41 B 6 1.76 2.65 -3.69
H5M1 T41 B 6 -2.88 1.28 -3.06
H5M2 T41 B 6 -2.21 -0.03 -4.07
H5M3 T41 B 6 -2.60 -0.32 -2.36
H6 T41 B 6 -0.93 -0.14 -0.89
H1' T41 B 6 2.38 0.91 0.45
H2'1 T41 B 6 0.98 1.77 1.66
H3' T41 B 6 0.53 -0.47 3.19
H4' T41 B 6 2.70 -1.79 1.79
H5'1 T41 B 6 1.10 -3.40 1.02
H5'2 T41 B 6 0.84 -3.04 2.75
H11 T41 B 6 -2.31 1.42 1.93
H12 T41 B 6 -0.84 1.76 2.92
H13 T41 B 6 -1.02 2.48 1.27
N1 T41 B 6 0.81 0.89 -1.18
C2 T41 B 6 1.61 1.70 -1.99
N3 T41 B 6 1.07 2.06 -3.21
C4 T41 B 6 -0.17 1.68 -3.72
C5 T41 B 6 -0.93 0.86 -2.81
C5M T41 B 6 -2.33 0.41 -3.18
C6 T41 B 6 -0.44 0.50 -1.61
O2 T41 B 6 2.71 2.11 -1.65
O4 T41 B 6 -0.52 2.05 -4.83
C1' T41 B 6 1.36 0.42 0.11
C2' T41 B 6 0.61 0.79 1.36
O2' T41 B 6 -0.76 0.57 1.25
C3' T41 B 6 1.16 -0.20 2.38
C4' T41 B 6 1.55 -1.40 1.51
O3' T41 B 6 2.34 0.27 3.03
O4' T41 B 6 1.50 -0.99 0.15
C5' T41 B 6 0.62 -2.61 1.67
O5' T41 B 6 -0.73 -2.28 1.36
C6' T41 B 6 -1.38 1.70 1.80
P T41 B 6 -1.86 -3.43 1.22
O1P T41 B 6 -1.92 -4.16 2.51
O2P T41 B 6 -3.07 -2.81 0.67
H3 T41 B 6 1.64 2.65 -3.79
H5M1 T41 B 6 -2.30 -0.05 -4.17
H5M2 T41 B 6 -2.71 -0.31 -2.45
H5M3 T41 B 6 -2.98 1.28 -3.19
H6 T41 B 6 -1.05 -0.12 -0.98
H1' T41 B 6 2.26 0.94 0.37
H2'1 T41 B 6 0.87 1.82 1.55
H3' T41 B 6 0.37 -0.41 3.11
H4' T41 B 6 2.55 -1.75 1.73
H5'1 T41 B 6 0.97 -3.37 0.98
H5'2 T41 B 6 0.68 -2.98 2.69
H11 T41 B 6 -2.44 1.50 1.81
H12 T41 B 6 -0.97 1.84 2.80
H13 T41 B 6 -1.12 2.54 1.14
N1 T41 B 6 0.87 0.82 -1.12
C2 T41 B 6 1.66 1.65 -1.92
N3 T41 B 6 1.12 2.02 -3.13
C4 T41 B 6 -0.12 1.65 -3.63
C5 T41 B 6 -0.89 0.82 -2.73
C5M T41 B 6 -2.28 0.37 -3.11
C6 T41 B 6 -0.38 0.44 -1.54
O2 T41 B 6 2.77 2.04 -1.58
O4 T41 B 6 -0.48 2.04 -4.75
C1' T41 B 6 1.41 0.36 0.18
C2' T41 B 6 0.67 0.70 1.43
O2' T41 B 6 -0.71 0.49 1.33
C3' T41 B 6 1.23 -0.28 2.45
C4' T41 B 6 1.63 -1.47 1.56
O3' T41 B 6 2.42 0.18 3.08
O4' T41 B 6 1.57 -1.04 0.20
C5' T41 B 6 0.69 -2.68 1.71
O5' T41 B 6 -0.66 -2.36 1.42
C6' T41 B 6 -1.32 1.60 1.89
P T41 B 6 -1.79 -3.50 1.28
O1P T41 B 6 -1.85 -4.24 2.56
O2P T41 B 6 -3.02 -2.87 0.74
H3 T41 B 6 1.71 2.61 -3.71
H5M1 T41 B 6 -2.26 -0.07 -4.10
H5M2 T41 B 6 -2.66 -0.36 -2.39
H5M3 T41 B 6 -2.94 1.25 -3.10
H6 T41 B 6 -1.00 -0.17 -0.92
H1' T41 B 6 2.31 0.87 0.44
H2'1 T41 B 6 0.92 1.74 1.64
H3' T41 B 6 0.45 -0.51 3.18
H4' T41 B 6 2.63 -1.84 1.77
H5'1 T41 B 6 1.03 -3.44 1.00
H5'2 T41 B 6 0.76 -3.07 2.72
H11 T41 B 6 -2.38 1.39 1.90
H12 T41 B 6 -0.91 1.73 2.89
H13 T41 B 6 -1.08 2.45 1.24
N1 T41 B 6 0.88 0.82 -1.09
C2 T41 B 6 1.68 1.65 -1.90
N3 T41 B 6 1.14 2.01 -3.12
C4 T41 B 6 -0.10 1.65 -3.61
C5 T41 B 6 -0.87 0.81 -2.72
C5M T41 B 6 -2.26 0.37 -3.09
C6 T41 B 6 -0.36 0.43 -1.52
O2 T41 B 6 2.79 2.04 -1.57
O4 T41 B 6 -0.45 2.03 -4.73
C1' T41 B 6 1.44 0.35 0.20
C2' T41 B 6 0.68 0.70 1.45
O2' T41 B 6 -0.69 0.48 1.34
C3' T41 B 6 1.25 -0.29 2.47
C4' T41 B 6 1.63 -1.48 1.58
O3' T41 B 6 2.42 0.17 3.10
O4' T41 B 6 1.58 -1.06 0.22
C5' T41 B 6 0.71 -2.69 1.73
O5' T41 B 6 -0.64 -2.36 1.43
C6' T41 B 6 -1.31 1.58 1.89
P T41 B 6 -1.77 -3.51 1.29
O1P T41 B 6 -1.83 -4.25 2.57
O2P T41 B 6 -3.00 -2.87 0.76
H3 T41 B 6 1.72 2.61 -3.69
H5M1 T41 B 6 -2.24 -0.08 -4.08
H5M2 T41 B 6 -2.64 -0.36 -2.37
H5M3 T41 B 6 -2.91 1.24 -3.08
H6 T41 B 6 -0.98 -0.18 -0.90
H1' T41 B 6 2.33 0.87 0.45
H2'1 T41 B 6 0.93 1.73 1.65
H3' T41 B 6 0.46 -0.52 3.20
H4' T41 B 6 2.64 -1.84 1.79
H5'1 T41 B 6 1.05 -3.45 1.02
H5'2 T41 B 6 0.78 -3.09 2.75
H11 T41 B 6 -2.37 1.37 1.91
H12 T41 B 6 -0.90 1.71 2.91
H13 T41 B 6 -1.07 2.43 1.26
#